data_7QRS
#
_entry.id   7QRS
#
_cell.length_a   50.257
_cell.length_b   50.257
_cell.length_c   184.398
_cell.angle_alpha   90.000
_cell.angle_beta   90.000
_cell.angle_gamma   120.000
#
_symmetry.space_group_name_H-M   'P 65'
#
loop_
_entity.id
_entity.type
_entity.pdbx_description
1 polymer 'Protein scribble homolog'
2 polymer 'Protein Tax-1'
3 non-polymer 'ACETATE ION'
4 non-polymer GLYCEROL
5 water water
#
loop_
_entity_poly.entity_id
_entity_poly.type
_entity_poly.pdbx_seq_one_letter_code
_entity_poly.pdbx_strand_id
1 'polypeptide(L)'
;SAPSVKGVSFDQANNLLIEPARIEEEELTLTILRQTGGLGISIAGGKGSTPYKGDDEGIFISRVSEEGPAARAGVRVGDK
LLEVNGVALQGAEHHEAVEALRGAGTAVQMRVWRERM
;
A,B
2 'polypeptide(L)' KHFRETEV C,D
#
# COMPACT_ATOMS: atom_id res chain seq x y z
N ASN A 15 37.35 9.67 4.68
CA ASN A 15 36.17 10.38 5.18
C ASN A 15 35.01 9.41 5.39
N LEU A 16 34.02 9.82 6.16
CA LEU A 16 33.03 8.89 6.69
C LEU A 16 31.90 8.67 5.68
N LEU A 17 31.30 7.49 5.76
CA LEU A 17 30.21 7.15 4.85
C LEU A 17 29.03 8.10 5.03
N ILE A 18 28.37 8.43 3.92
CA ILE A 18 27.19 9.29 3.97
C ILE A 18 26.01 8.51 4.54
N GLU A 19 25.27 9.15 5.44
CA GLU A 19 24.03 8.56 5.96
C GLU A 19 22.86 9.04 5.14
N PRO A 20 22.08 8.15 4.53
CA PRO A 20 20.99 8.61 3.65
C PRO A 20 19.87 9.29 4.43
N ALA A 21 19.21 10.23 3.74
CA ALA A 21 18.09 10.94 4.31
C ALA A 21 16.86 10.05 4.30
N ARG A 22 15.89 10.40 5.13
CA ARG A 22 14.65 9.65 5.24
C ARG A 22 13.50 10.64 5.18
N ILE A 23 12.66 10.52 4.16
CA ILE A 23 11.43 11.31 4.10
C ILE A 23 10.43 10.68 5.06
N GLU A 24 9.94 11.47 6.01
CA GLU A 24 9.02 10.94 7.01
C GLU A 24 7.56 11.07 6.62
N GLU A 25 7.21 12.13 5.90
CA GLU A 25 5.82 12.37 5.53
C GLU A 25 5.85 13.52 4.53
N GLU A 26 4.75 13.67 3.79
CA GLU A 26 4.66 14.70 2.78
C GLU A 26 3.21 15.10 2.55
N GLU A 27 3.02 16.34 2.11
CA GLU A 27 1.85 16.74 1.35
C GLU A 27 2.23 16.90 -0.11
N LEU A 28 1.42 16.33 -1.00
CA LEU A 28 1.68 16.44 -2.42
C LEU A 28 0.39 16.63 -3.20
N THR A 29 0.51 17.15 -4.42
CA THR A 29 -0.64 17.34 -5.29
C THR A 29 -0.47 16.39 -6.47
N LEU A 30 -1.44 15.48 -6.61
CA LEU A 30 -1.51 14.53 -7.71
C LEU A 30 -2.64 14.94 -8.65
N THR A 31 -2.39 14.89 -9.95
CA THR A 31 -3.40 15.29 -10.95
C THR A 31 -3.92 14.07 -11.69
N ILE A 32 -5.20 13.76 -11.50
CA ILE A 32 -5.79 12.58 -12.10
C ILE A 32 -6.53 13.04 -13.33
N LEU A 33 -6.32 12.35 -14.45
CA LEU A 33 -7.06 12.61 -15.68
C LEU A 33 -8.22 11.64 -15.76
N ARG A 34 -9.42 12.16 -15.57
CA ARG A 34 -10.61 11.32 -15.48
C ARG A 34 -10.78 10.50 -16.75
N GLN A 35 -11.00 9.20 -16.58
CA GLN A 35 -11.35 8.35 -17.71
C GLN A 35 -12.83 8.05 -17.67
N THR A 36 -13.33 7.49 -18.77
CA THR A 36 -14.75 7.14 -18.86
C THR A 36 -15.24 6.46 -17.58
N GLY A 37 -14.45 5.54 -17.03
CA GLY A 37 -14.84 4.81 -15.84
C GLY A 37 -14.81 5.60 -14.54
N GLY A 38 -14.18 6.78 -14.51
CA GLY A 38 -14.07 7.58 -13.31
C GLY A 38 -12.62 7.87 -12.97
N LEU A 39 -12.36 8.07 -11.68
CA LEU A 39 -11.02 8.45 -11.26
C LEU A 39 -10.17 7.28 -10.85
N GLY A 40 -10.76 6.10 -10.70
CA GLY A 40 -10.00 4.92 -10.35
C GLY A 40 -9.66 4.85 -8.88
N ILE A 41 -10.51 5.39 -8.01
CA ILE A 41 -10.33 5.32 -6.57
C ILE A 41 -11.67 5.10 -5.88
N SER A 42 -11.61 4.61 -4.64
CA SER A 42 -12.69 4.81 -3.68
C SER A 42 -12.22 5.75 -2.58
N ILE A 43 -13.14 6.54 -2.04
CA ILE A 43 -12.85 7.34 -0.86
C ILE A 43 -13.68 6.79 0.29
N ALA A 44 -13.19 6.99 1.51
CA ALA A 44 -13.86 6.57 2.73
C ALA A 44 -13.71 7.69 3.74
N GLY A 45 -14.61 7.75 4.71
CA GLY A 45 -14.54 8.80 5.71
C GLY A 45 -15.63 9.83 5.52
N GLY A 46 -15.55 10.88 6.33
CA GLY A 46 -16.55 11.93 6.30
C GLY A 46 -17.03 12.24 7.71
N LYS A 47 -17.38 13.51 7.92
CA LYS A 47 -17.89 13.96 9.21
C LYS A 47 -19.09 13.12 9.63
N GLY A 48 -19.06 12.68 10.89
CA GLY A 48 -20.15 11.93 11.42
C GLY A 48 -20.12 10.46 11.11
N SER A 49 -19.12 9.99 10.37
CA SER A 49 -19.03 8.62 9.90
C SER A 49 -17.94 7.90 10.68
N THR A 50 -17.92 6.58 10.55
CA THR A 50 -16.91 5.76 11.21
C THR A 50 -15.53 6.08 10.66
N PRO A 51 -14.59 6.57 11.47
CA PRO A 51 -13.32 7.05 10.92
C PRO A 51 -12.56 5.99 10.13
N TYR A 52 -11.92 6.41 9.04
CA TYR A 52 -11.03 5.52 8.32
C TYR A 52 -9.77 5.19 9.12
N LYS A 53 -9.35 6.12 9.98
CA LYS A 53 -8.13 5.92 10.75
C LYS A 53 -8.28 6.62 12.09
N GLY A 54 -8.08 5.86 13.17
CA GLY A 54 -8.14 6.49 14.48
C GLY A 54 -9.45 7.22 14.71
N ASP A 55 -9.34 8.46 15.18
CA ASP A 55 -10.47 9.35 15.39
C ASP A 55 -10.64 10.34 14.23
N ASP A 56 -9.84 10.19 13.18
CA ASP A 56 -9.80 11.17 12.09
C ASP A 56 -10.98 10.93 11.16
N GLU A 57 -11.95 11.86 11.18
CA GLU A 57 -13.14 11.76 10.35
C GLU A 57 -12.93 12.35 8.96
N GLY A 58 -11.69 12.52 8.52
CA GLY A 58 -11.39 13.11 7.23
C GLY A 58 -11.64 12.14 6.10
N ILE A 59 -11.30 12.59 4.89
CA ILE A 59 -11.48 11.81 3.67
C ILE A 59 -10.14 11.17 3.32
N PHE A 60 -10.16 9.86 3.08
CA PHE A 60 -8.98 9.11 2.72
C PHE A 60 -9.26 8.30 1.48
N ILE A 61 -8.22 8.05 0.70
CA ILE A 61 -8.22 7.11 -0.41
C ILE A 61 -8.20 5.70 0.16
N SER A 62 -9.31 4.98 0.02
CA SER A 62 -9.35 3.64 0.59
C SER A 62 -9.01 2.55 -0.41
N ARG A 63 -9.10 2.82 -1.71
CA ARG A 63 -8.79 1.83 -2.72
C ARG A 63 -8.27 2.59 -3.93
N VAL A 64 -7.32 1.97 -4.64
CA VAL A 64 -6.79 2.54 -5.88
C VAL A 64 -6.82 1.46 -6.93
N SER A 65 -7.51 1.71 -8.03
CA SER A 65 -7.64 0.74 -9.11
C SER A 65 -6.29 0.57 -9.80
N GLU A 66 -5.82 -0.68 -9.89
CA GLU A 66 -4.54 -0.95 -10.54
C GLU A 66 -4.61 -0.54 -12.02
N GLU A 67 -3.59 0.18 -12.47
CA GLU A 67 -3.52 0.68 -13.84
C GLU A 67 -4.70 1.60 -14.19
N GLY A 68 -5.40 2.15 -13.20
CA GLY A 68 -6.40 3.17 -13.45
C GLY A 68 -5.76 4.54 -13.41
N PRO A 69 -6.56 5.58 -13.65
CA PRO A 69 -5.98 6.94 -13.72
C PRO A 69 -5.25 7.41 -12.46
N ALA A 70 -5.80 7.12 -11.28
CA ALA A 70 -5.19 7.51 -10.01
C ALA A 70 -3.87 6.81 -9.79
N ALA A 71 -3.81 5.52 -10.10
CA ALA A 71 -2.56 4.79 -10.00
C ALA A 71 -1.50 5.43 -10.88
N ARG A 72 -1.85 5.75 -12.12
CA ARG A 72 -0.89 6.41 -13.00
C ARG A 72 -0.53 7.80 -12.50
N ALA A 73 -1.44 8.47 -11.80
CA ALA A 73 -1.12 9.79 -11.29
C ALA A 73 -0.31 9.73 -10.01
N GLY A 74 -0.13 8.56 -9.42
CA GLY A 74 0.67 8.42 -8.22
C GLY A 74 -0.10 8.48 -6.92
N VAL A 75 -1.43 8.37 -6.95
CA VAL A 75 -2.23 8.26 -5.73
C VAL A 75 -2.01 6.90 -5.08
N ARG A 76 -2.05 6.89 -3.75
CA ARG A 76 -1.86 5.66 -2.99
C ARG A 76 -2.91 5.50 -1.90
N VAL A 77 -3.26 4.23 -1.66
CA VAL A 77 -4.17 3.88 -0.57
C VAL A 77 -3.59 4.42 0.72
N GLY A 78 -4.44 5.03 1.52
CA GLY A 78 -4.02 5.62 2.77
C GLY A 78 -3.85 7.12 2.71
N ASP A 79 -3.62 7.68 1.52
CA ASP A 79 -3.55 9.13 1.36
C ASP A 79 -4.78 9.80 1.95
N LYS A 80 -4.54 10.87 2.68
CA LYS A 80 -5.60 11.72 3.16
C LYS A 80 -5.84 12.83 2.16
N LEU A 81 -7.09 13.01 1.79
CA LEU A 81 -7.47 13.92 0.71
C LEU A 81 -7.84 15.25 1.32
N LEU A 82 -6.96 16.26 1.14
CA LEU A 82 -7.12 17.56 1.77
C LEU A 82 -7.88 18.55 0.92
N GLU A 83 -7.67 18.53 -0.40
CA GLU A 83 -8.28 19.49 -1.30
C GLU A 83 -8.54 18.81 -2.64
N VAL A 84 -9.60 19.25 -3.30
CA VAL A 84 -9.92 18.84 -4.67
C VAL A 84 -10.00 20.12 -5.49
N ASN A 85 -9.12 20.26 -6.46
CA ASN A 85 -9.03 21.50 -7.23
C ASN A 85 -9.09 22.72 -6.32
N GLY A 86 -8.28 22.68 -5.25
CA GLY A 86 -8.13 23.84 -4.38
C GLY A 86 -9.22 24.07 -3.36
N VAL A 87 -10.28 23.27 -3.35
CA VAL A 87 -11.35 23.40 -2.36
C VAL A 87 -11.05 22.41 -1.24
N ALA A 88 -10.95 22.93 -0.02
CA ALA A 88 -10.61 22.10 1.12
C ALA A 88 -11.78 21.21 1.52
N LEU A 89 -11.46 19.99 1.89
CA LEU A 89 -12.46 19.04 2.35
C LEU A 89 -12.55 18.96 3.87
N GLN A 90 -11.80 19.79 4.60
CA GLN A 90 -11.83 19.77 6.05
C GLN A 90 -13.26 19.90 6.56
N GLY A 91 -13.71 18.94 7.36
CA GLY A 91 -15.05 19.02 7.93
C GLY A 91 -16.15 18.54 7.03
N ALA A 92 -15.82 18.01 5.86
CA ALA A 92 -16.84 17.60 4.92
C ALA A 92 -17.49 16.29 5.33
N GLU A 93 -18.76 16.16 5.03
CA GLU A 93 -19.46 14.88 5.08
C GLU A 93 -19.08 14.03 3.86
N HIS A 94 -19.30 12.72 3.97
CA HIS A 94 -18.94 11.82 2.87
C HIS A 94 -19.54 12.28 1.54
N HIS A 95 -20.86 12.57 1.52
CA HIS A 95 -21.53 12.91 0.25
C HIS A 95 -20.95 14.18 -0.36
N GLU A 96 -20.47 15.11 0.47
CA GLU A 96 -19.85 16.35 -0.03
C GLU A 96 -18.55 16.05 -0.76
N ALA A 97 -17.75 15.16 -0.21
CA ALA A 97 -16.50 14.78 -0.88
C ALA A 97 -16.80 14.04 -2.17
N VAL A 98 -17.83 13.21 -2.18
CA VAL A 98 -18.15 12.47 -3.41
C VAL A 98 -18.57 13.45 -4.51
N GLU A 99 -19.36 14.45 -4.13
CA GLU A 99 -19.82 15.48 -5.06
C GLU A 99 -18.67 16.32 -5.59
N ALA A 100 -17.76 16.73 -4.71
CA ALA A 100 -16.59 17.50 -5.16
C ALA A 100 -15.82 16.71 -6.20
N LEU A 101 -15.63 15.41 -5.97
CA LEU A 101 -14.85 14.63 -6.91
C LEU A 101 -15.60 14.39 -8.22
N ARG A 102 -16.91 14.14 -8.15
CA ARG A 102 -17.64 13.83 -9.38
C ARG A 102 -17.70 15.05 -10.28
N GLY A 103 -17.76 16.24 -9.70
CA GLY A 103 -17.86 17.50 -10.38
C GLY A 103 -16.55 18.19 -10.73
N ALA A 104 -15.40 17.56 -10.46
CA ALA A 104 -14.09 18.19 -10.58
C ALA A 104 -13.59 18.31 -12.02
N GLY A 105 -14.29 17.76 -13.00
CA GLY A 105 -13.91 17.97 -14.40
C GLY A 105 -12.83 17.01 -14.86
N THR A 106 -12.15 17.39 -15.94
CA THR A 106 -11.27 16.43 -16.59
C THR A 106 -9.98 16.19 -15.82
N ALA A 107 -9.29 17.26 -15.43
CA ALA A 107 -8.10 17.18 -14.58
C ALA A 107 -8.51 17.48 -13.15
N VAL A 108 -8.18 16.57 -12.27
CA VAL A 108 -8.56 16.67 -10.89
C VAL A 108 -7.29 16.74 -10.07
N GLN A 109 -6.99 17.92 -9.54
CA GLN A 109 -5.84 18.13 -8.67
C GLN A 109 -6.17 17.76 -7.24
N MET A 110 -5.49 16.75 -6.73
CA MET A 110 -5.75 16.17 -5.44
C MET A 110 -4.60 16.48 -4.49
N ARG A 111 -4.82 17.36 -3.55
CA ARG A 111 -3.83 17.60 -2.52
C ARG A 111 -4.00 16.55 -1.42
N VAL A 112 -2.97 15.77 -1.16
CA VAL A 112 -3.07 14.70 -0.17
C VAL A 112 -1.94 14.81 0.84
N TRP A 113 -2.20 14.24 2.01
CA TRP A 113 -1.19 14.07 3.07
C TRP A 113 -0.80 12.61 3.14
N ARG A 114 0.50 12.33 3.02
CA ARG A 114 1.00 10.96 2.94
C ARG A 114 1.96 10.72 4.10
N GLU A 115 1.59 9.80 4.99
CA GLU A 115 2.43 9.51 6.14
C GLU A 115 3.31 8.29 5.93
N ARG A 116 2.97 7.44 4.97
CA ARG A 116 3.70 6.19 4.75
C ARG A 116 4.54 6.33 3.50
N MET A 117 5.85 6.34 3.66
CA MET A 117 6.77 6.48 2.54
C MET A 117 7.43 5.15 2.20
N GLU B 19 -25.38 -7.45 -3.31
CA GLU B 19 -24.91 -7.41 -1.93
C GLU B 19 -23.39 -7.48 -1.90
N PRO B 20 -22.72 -6.31 -1.91
CA PRO B 20 -21.26 -6.31 -1.94
C PRO B 20 -20.59 -6.36 -0.57
N ALA B 21 -19.69 -7.31 -0.39
CA ALA B 21 -18.91 -7.40 0.82
C ALA B 21 -17.62 -6.57 0.71
N ARG B 22 -16.96 -6.38 1.84
CA ARG B 22 -15.66 -5.71 1.86
C ARG B 22 -14.71 -6.59 2.65
N ILE B 23 -13.72 -7.16 1.97
CA ILE B 23 -12.66 -7.91 2.65
C ILE B 23 -11.69 -6.92 3.26
N GLU B 24 -11.55 -6.95 4.57
CA GLU B 24 -10.70 -5.99 5.26
C GLU B 24 -9.26 -6.45 5.30
N GLU B 25 -9.05 -7.75 5.46
CA GLU B 25 -7.70 -8.28 5.46
C GLU B 25 -7.82 -9.79 5.30
N GLU B 26 -6.73 -10.40 4.82
CA GLU B 26 -6.65 -11.83 4.67
C GLU B 26 -5.25 -12.33 5.00
N GLU B 27 -5.18 -13.60 5.36
CA GLU B 27 -3.95 -14.39 5.33
C GLU B 27 -4.10 -15.35 4.18
N LEU B 28 -3.06 -15.45 3.35
CA LEU B 28 -3.04 -16.34 2.20
C LEU B 28 -1.73 -17.10 2.19
N THR B 29 -1.72 -18.27 1.56
CA THR B 29 -0.50 -19.00 1.28
C THR B 29 -0.29 -19.03 -0.22
N LEU B 30 0.86 -18.53 -0.66
CA LEU B 30 1.23 -18.47 -2.06
C LEU B 30 2.46 -19.34 -2.25
N THR B 31 2.46 -20.13 -3.31
CA THR B 31 3.57 -21.01 -3.64
C THR B 31 4.23 -20.52 -4.92
N ILE B 32 5.46 -20.03 -4.80
CA ILE B 32 6.23 -19.49 -5.91
C ILE B 32 7.01 -20.63 -6.55
N LEU B 33 7.01 -20.67 -7.87
CA LEU B 33 7.61 -21.78 -8.62
C LEU B 33 8.80 -21.26 -9.41
N ARG B 34 9.97 -21.84 -9.18
CA ARG B 34 11.16 -21.46 -9.92
C ARG B 34 12.01 -22.69 -10.21
N GLN B 35 12.47 -22.80 -11.45
CA GLN B 35 13.48 -23.79 -11.79
C GLN B 35 14.86 -23.31 -11.39
N THR B 36 15.17 -22.05 -11.69
CA THR B 36 16.50 -21.47 -11.55
C THR B 36 16.33 -19.98 -11.31
N GLY B 37 17.15 -19.43 -10.42
CA GLY B 37 17.18 -17.99 -10.23
C GLY B 37 16.33 -17.46 -9.11
N GLY B 38 15.92 -16.20 -9.23
CA GLY B 38 15.24 -15.51 -8.16
C GLY B 38 13.73 -15.60 -8.27
N LEU B 39 13.07 -15.02 -7.27
CA LEU B 39 11.64 -15.12 -7.12
C LEU B 39 10.89 -13.96 -7.75
N GLY B 40 11.59 -12.90 -8.15
CA GLY B 40 10.92 -11.77 -8.75
C GLY B 40 10.27 -10.83 -7.74
N ILE B 41 10.92 -10.59 -6.62
CA ILE B 41 10.41 -9.69 -5.61
C ILE B 41 11.59 -9.02 -4.94
N SER B 42 11.30 -7.90 -4.28
CA SER B 42 12.16 -7.33 -3.24
C SER B 42 11.43 -7.41 -1.91
N ILE B 43 12.19 -7.60 -0.82
CA ILE B 43 11.62 -7.52 0.52
C ILE B 43 12.29 -6.40 1.29
N ALA B 44 11.56 -5.86 2.27
CA ALA B 44 11.98 -4.73 3.06
C ALA B 44 11.60 -5.01 4.49
N GLY B 45 12.24 -4.32 5.43
CA GLY B 45 11.96 -4.50 6.83
C GLY B 45 13.00 -5.34 7.56
N GLY B 46 12.70 -5.60 8.82
CA GLY B 46 13.56 -6.40 9.67
C GLY B 46 13.85 -5.78 11.02
N LYS B 47 14.07 -6.64 12.01
CA LYS B 47 14.33 -6.20 13.37
C LYS B 47 15.46 -5.18 13.39
N GLY B 48 15.23 -4.10 14.14
CA GLY B 48 16.21 -3.05 14.30
C GLY B 48 16.32 -2.10 13.13
N SER B 49 15.48 -2.24 12.12
CA SER B 49 15.58 -1.41 10.92
C SER B 49 14.40 -0.45 10.82
N THR B 50 14.51 0.47 9.87
CA THR B 50 13.43 1.43 9.67
C THR B 50 12.16 0.72 9.20
N PRO B 51 11.08 0.71 9.99
CA PRO B 51 9.88 -0.04 9.59
C PRO B 51 9.39 0.35 8.21
N TYR B 52 8.97 -0.66 7.45
CA TYR B 52 8.32 -0.39 6.17
C TYR B 52 6.94 0.26 6.36
N LYS B 53 6.30 0.04 7.50
CA LYS B 53 4.97 0.58 7.73
C LYS B 53 4.76 0.70 9.24
N GLY B 54 4.27 1.86 9.67
CA GLY B 54 4.00 2.08 11.08
C GLY B 54 5.23 1.82 11.95
N ASP B 55 5.03 1.07 13.02
CA ASP B 55 6.11 0.62 13.90
C ASP B 55 6.41 -0.87 13.72
N ASP B 56 5.93 -1.46 12.63
CA ASP B 56 6.10 -2.89 12.37
C ASP B 56 7.48 -3.13 11.75
N GLU B 57 8.36 -3.79 12.50
CA GLU B 57 9.69 -4.16 12.03
C GLU B 57 9.70 -5.48 11.26
N GLY B 58 8.55 -5.96 10.80
CA GLY B 58 8.46 -7.21 10.10
C GLY B 58 8.93 -7.10 8.66
N ILE B 59 8.77 -8.22 7.95
CA ILE B 59 9.24 -8.36 6.59
C ILE B 59 8.07 -8.20 5.63
N PHE B 60 8.23 -7.30 4.65
CA PHE B 60 7.18 -6.93 3.70
C PHE B 60 7.67 -7.05 2.26
N ILE B 61 6.75 -7.38 1.37
CA ILE B 61 7.04 -7.37 -0.06
C ILE B 61 7.03 -5.91 -0.52
N SER B 62 8.20 -5.40 -0.93
CA SER B 62 8.31 -4.01 -1.38
C SER B 62 8.18 -3.86 -2.89
N ARG B 63 8.43 -4.92 -3.65
CA ARG B 63 8.35 -4.85 -5.11
C ARG B 63 8.04 -6.22 -5.66
N VAL B 64 7.27 -6.24 -6.75
CA VAL B 64 6.95 -7.48 -7.46
C VAL B 64 7.25 -7.25 -8.94
N SER B 65 8.05 -8.14 -9.52
CA SER B 65 8.34 -8.08 -10.94
C SER B 65 7.19 -8.66 -11.76
N GLU B 66 6.73 -7.90 -12.75
CA GLU B 66 5.61 -8.36 -13.58
C GLU B 66 5.98 -9.64 -14.33
N GLU B 67 5.06 -10.60 -14.32
CA GLU B 67 5.22 -11.90 -14.97
C GLU B 67 6.42 -12.68 -14.44
N GLY B 68 6.90 -12.35 -13.25
CA GLY B 68 7.86 -13.16 -12.56
C GLY B 68 7.17 -14.28 -11.81
N PRO B 69 7.93 -15.21 -11.23
CA PRO B 69 7.28 -16.33 -10.53
C PRO B 69 6.35 -15.86 -9.41
N ALA B 70 6.74 -14.83 -8.66
CA ALA B 70 5.92 -14.40 -7.53
C ALA B 70 4.64 -13.72 -8.01
N ALA B 71 4.75 -12.87 -9.02
CA ALA B 71 3.56 -12.24 -9.59
C ALA B 71 2.55 -13.30 -10.03
N ARG B 72 2.99 -14.30 -10.78
CA ARG B 72 2.10 -15.34 -11.28
C ARG B 72 1.60 -16.25 -10.15
N ALA B 73 2.32 -16.31 -9.03
CA ALA B 73 1.85 -17.00 -7.85
C ALA B 73 0.84 -16.20 -7.05
N GLY B 74 0.69 -14.91 -7.35
CA GLY B 74 -0.30 -14.07 -6.69
C GLY B 74 0.22 -13.15 -5.63
N VAL B 75 1.55 -13.02 -5.50
CA VAL B 75 2.11 -12.13 -4.50
C VAL B 75 1.87 -10.68 -4.88
N ARG B 76 1.67 -9.83 -3.86
CA ARG B 76 1.41 -8.42 -4.11
C ARG B 76 2.33 -7.54 -3.26
N VAL B 77 2.69 -6.37 -3.82
CA VAL B 77 3.39 -5.34 -3.06
C VAL B 77 2.57 -5.01 -1.83
N GLY B 78 3.25 -4.78 -0.70
CA GLY B 78 2.61 -4.53 0.58
C GLY B 78 2.27 -5.76 1.41
N ASP B 79 2.23 -6.95 0.83
CA ASP B 79 2.03 -8.17 1.62
C ASP B 79 3.05 -8.25 2.76
N LYS B 80 2.60 -8.68 3.95
CA LYS B 80 3.51 -8.93 5.06
C LYS B 80 3.86 -10.41 5.03
N LEU B 81 5.16 -10.73 5.00
CA LEU B 81 5.62 -12.11 4.91
C LEU B 81 5.67 -12.68 6.32
N LEU B 82 4.77 -13.63 6.63
CA LEU B 82 4.72 -14.24 7.95
C LEU B 82 5.61 -15.48 8.07
N GLU B 83 5.59 -16.32 7.04
CA GLU B 83 6.37 -17.55 7.00
C GLU B 83 6.82 -17.90 5.59
N VAL B 84 7.95 -18.59 5.52
CA VAL B 84 8.52 -19.07 4.26
C VAL B 84 8.97 -20.51 4.51
N ASN B 85 8.29 -21.46 3.87
CA ASN B 85 8.55 -22.90 4.05
C ASN B 85 8.71 -23.24 5.52
N GLY B 86 7.75 -22.78 6.32
CA GLY B 86 7.72 -23.10 7.72
C GLY B 86 8.60 -22.24 8.61
N VAL B 87 9.36 -21.31 8.04
CA VAL B 87 10.24 -20.47 8.83
C VAL B 87 9.47 -19.18 9.12
N ALA B 88 9.12 -18.99 10.40
CA ALA B 88 8.44 -17.78 10.84
C ALA B 88 9.38 -16.59 10.83
N LEU B 89 8.89 -15.46 10.34
CA LEU B 89 9.75 -14.30 10.21
C LEU B 89 9.45 -13.24 11.25
N GLN B 90 8.47 -13.48 12.12
CA GLN B 90 8.27 -12.66 13.30
C GLN B 90 9.59 -12.49 14.04
N GLY B 91 9.98 -11.23 14.22
CA GLY B 91 11.19 -10.90 14.93
C GLY B 91 12.48 -11.13 14.18
N ALA B 92 12.43 -11.41 12.88
CA ALA B 92 13.63 -11.75 12.13
C ALA B 92 14.37 -10.49 11.72
N GLU B 93 15.71 -10.59 11.71
CA GLU B 93 16.53 -9.56 11.10
C GLU B 93 16.40 -9.63 9.59
N HIS B 94 16.71 -8.48 8.94
CA HIS B 94 16.61 -8.41 7.47
C HIS B 94 17.35 -9.58 6.80
N HIS B 95 18.62 -9.82 7.20
CA HIS B 95 19.47 -10.87 6.60
C HIS B 95 18.89 -12.26 6.83
N GLU B 96 18.24 -12.44 7.96
CA GLU B 96 17.61 -13.73 8.25
C GLU B 96 16.48 -14.02 7.27
N ALA B 97 15.68 -12.99 6.93
CA ALA B 97 14.62 -13.17 5.94
C ALA B 97 15.18 -13.43 4.55
N VAL B 98 16.22 -12.71 4.14
CA VAL B 98 16.85 -12.96 2.84
C VAL B 98 17.31 -14.42 2.77
N GLU B 99 17.98 -14.89 3.82
CA GLU B 99 18.46 -16.27 3.80
C GLU B 99 17.31 -17.25 3.73
N ALA B 100 16.20 -16.96 4.39
CA ALA B 100 15.07 -17.88 4.40
C ALA B 100 14.48 -18.03 3.02
N LEU B 101 14.49 -16.96 2.24
CA LEU B 101 13.96 -16.99 0.88
C LEU B 101 14.97 -17.58 -0.09
N ARG B 102 16.26 -17.28 0.08
CA ARG B 102 17.24 -17.80 -0.85
C ARG B 102 17.43 -19.31 -0.68
N GLY B 103 17.16 -19.81 0.52
CA GLY B 103 17.27 -21.23 0.83
C GLY B 103 15.98 -22.02 0.72
N ALA B 104 14.91 -21.41 0.24
CA ALA B 104 13.60 -22.05 0.22
C ALA B 104 13.44 -23.08 -0.90
N GLY B 105 14.38 -23.15 -1.83
CA GLY B 105 14.32 -24.18 -2.84
C GLY B 105 13.47 -23.80 -4.05
N THR B 106 13.09 -24.84 -4.79
CA THR B 106 12.38 -24.64 -6.05
C THR B 106 10.90 -24.31 -5.82
N ALA B 107 10.30 -24.88 -4.78
CA ALA B 107 8.92 -24.58 -4.40
C ALA B 107 8.93 -23.78 -3.10
N VAL B 108 8.45 -22.54 -3.17
CA VAL B 108 8.56 -21.58 -2.08
C VAL B 108 7.15 -21.24 -1.63
N GLN B 109 6.70 -21.82 -0.51
CA GLN B 109 5.39 -21.52 0.05
C GLN B 109 5.51 -20.37 1.05
N MET B 110 4.79 -19.27 0.79
CA MET B 110 4.82 -18.10 1.65
C MET B 110 3.44 -17.88 2.24
N ARG B 111 3.36 -17.78 3.56
CA ARG B 111 2.16 -17.29 4.21
C ARG B 111 2.28 -15.78 4.36
N VAL B 112 1.32 -15.01 3.80
CA VAL B 112 1.35 -13.56 3.88
C VAL B 112 0.08 -13.03 4.56
N TRP B 113 0.22 -11.85 5.17
CA TRP B 113 -0.92 -11.06 5.64
C TRP B 113 -1.09 -9.91 4.66
N ARG B 114 -2.29 -9.79 4.09
CA ARG B 114 -2.64 -8.77 3.11
C ARG B 114 -3.67 -7.84 3.74
N GLU B 115 -3.29 -6.58 3.94
CA GLU B 115 -4.14 -5.63 4.63
C GLU B 115 -5.03 -4.82 3.71
N ARG B 116 -4.59 -4.51 2.48
CA ARG B 116 -5.41 -3.78 1.53
C ARG B 116 -5.59 -4.58 0.24
N MET B 117 -6.82 -4.58 -0.27
CA MET B 117 -7.18 -5.43 -1.40
C MET B 117 -7.83 -4.59 -2.51
N LYS C 1 19.41 2.57 11.96
CA LYS C 1 18.20 3.19 11.44
C LYS C 1 18.28 3.29 9.93
N HIS C 2 18.29 2.14 9.27
CA HIS C 2 18.36 2.07 7.82
C HIS C 2 17.13 1.35 7.28
N PHE C 3 16.62 1.84 6.14
CA PHE C 3 15.61 1.11 5.38
C PHE C 3 16.32 0.02 4.59
N ARG C 4 16.00 -1.23 4.88
CA ARG C 4 16.66 -2.36 4.26
C ARG C 4 15.74 -2.94 3.21
N GLU C 5 16.25 -3.08 2.00
CA GLU C 5 15.50 -3.67 0.90
C GLU C 5 16.44 -4.54 0.07
N THR C 6 15.94 -5.71 -0.35
CA THR C 6 16.74 -6.68 -1.08
C THR C 6 15.92 -7.41 -2.14
N GLU C 7 16.47 -7.55 -3.34
CA GLU C 7 15.86 -8.37 -4.37
C GLU C 7 16.18 -9.84 -4.11
N VAL C 8 15.17 -10.70 -4.20
CA VAL C 8 15.33 -12.12 -3.95
C VAL C 8 14.60 -12.87 -5.04
N LYS D 1 -23.62 4.67 13.47
CA LYS D 1 -23.01 5.34 12.33
C LYS D 1 -22.36 4.28 11.48
N HIS D 2 -22.04 4.63 10.25
CA HIS D 2 -21.50 3.67 9.32
C HIS D 2 -20.15 4.14 8.80
N PHE D 3 -19.33 3.16 8.43
CA PHE D 3 -18.15 3.36 7.58
C PHE D 3 -18.67 3.62 6.17
N ARG D 4 -18.25 4.72 5.56
CA ARG D 4 -18.83 5.15 4.29
C ARG D 4 -17.71 5.09 3.27
N GLU D 5 -17.92 4.32 2.20
CA GLU D 5 -16.95 4.18 1.12
C GLU D 5 -17.66 4.16 -0.24
N THR D 6 -17.13 4.95 -1.17
CA THR D 6 -17.76 5.17 -2.48
C THR D 6 -16.70 5.15 -3.56
N GLU D 7 -16.96 4.40 -4.63
CA GLU D 7 -16.10 4.41 -5.81
C GLU D 7 -16.34 5.67 -6.63
N VAL D 8 -15.27 6.38 -6.99
CA VAL D 8 -15.41 7.52 -7.88
C VAL D 8 -14.37 7.55 -9.01
#